data_4IE9
#
_entry.id   4IE9
#
_cell.length_a   73.060
_cell.length_b   75.320
_cell.length_c   79.880
_cell.angle_alpha   90.00
_cell.angle_beta   90.00
_cell.angle_gamma   90.00
#
_symmetry.space_group_name_H-M   'P 21 21 21'
#
loop_
_entity.id
_entity.type
_entity.pdbx_description
1 polymer 'cAMP-dependent protein kinase catalytic subunit alpha'
2 polymer 'cAMP-dependent protein kinase inhibitor alpha'
3 non-polymer 'pyridin-3-ylmethyl 5-methyl-1H-pyrazole-3-carboxylate'
4 non-polymer GLYCEROL
5 water water
#
loop_
_entity_poly.entity_id
_entity_poly.type
_entity_poly.pdbx_seq_one_letter_code
_entity_poly.pdbx_strand_id
1 'polypeptide(L)'
;MGNAAAAKKGSEQESVKEFLAKAKEDFLKKWENPAQNTAHLDQFERIKTLGTGSFGRVMLVKHMETGNHYAMKILDKQKV
VKLKQIEHTLNEKRILQAVNFPFLVKLEFSFKDNSNLYMVMEYVPGGEMFSHLRRIGRFSEPHARFYAAQIVLTFEYLHS
LDLIYRDLKPENLLIDQQGYIQVTDFGFAKRVKGRTW(TPO)LCGTPEYLAPEIILSKGYNKAVDWWALGVLIYEMAAGY
PPFFADQPIQIYEKIVSGKVRFPSHFSSDLKDLLRNLLQVDLTKRFGNLKNGVNDIKNHKWFATTDWIAIYQRKVEAPFI
PKFKGPGDTSNFDDYEEEEIRV(SEP)INEKCGKEFSEF
;
A
2 'polypeptide(L)' TTYADFIASGRTGRRNAIHD I
#
loop_
_chem_comp.id
_chem_comp.type
_chem_comp.name
_chem_comp.formula
GOL non-polymer GLYCEROL 'C3 H8 O3'
PZX non-polymer 'pyridin-3-ylmethyl 5-methyl-1H-pyrazole-3-carboxylate' 'C11 H11 N3 O2'
#
# COMPACT_ATOMS: atom_id res chain seq x y z
N SER A 15 -15.94 7.21 20.49
CA SER A 15 -15.50 5.82 20.71
C SER A 15 -14.98 5.16 19.39
N VAL A 16 -13.94 4.30 19.50
CA VAL A 16 -13.34 3.59 18.37
C VAL A 16 -14.33 2.56 17.81
N LYS A 17 -14.89 1.68 18.68
CA LYS A 17 -15.88 0.63 18.36
C LYS A 17 -17.09 1.22 17.60
N GLU A 18 -17.52 2.42 18.02
CA GLU A 18 -18.66 3.11 17.45
C GLU A 18 -18.35 3.79 16.15
N PHE A 19 -17.13 4.38 16.03
CA PHE A 19 -16.64 5.01 14.81
C PHE A 19 -16.54 3.90 13.72
N LEU A 20 -15.97 2.75 14.08
CA LEU A 20 -15.81 1.61 13.17
C LEU A 20 -17.14 1.01 12.74
N ALA A 21 -18.14 0.94 13.67
CA ALA A 21 -19.50 0.42 13.39
C ALA A 21 -20.15 1.20 12.25
N LYS A 22 -20.09 2.54 12.33
CA LYS A 22 -20.64 3.47 11.35
C LYS A 22 -19.85 3.41 10.05
N ALA A 23 -18.49 3.25 10.15
CA ALA A 23 -17.61 3.11 8.98
C ALA A 23 -18.01 1.86 8.20
N LYS A 24 -18.35 0.75 8.91
CA LYS A 24 -18.77 -0.50 8.30
C LYS A 24 -20.08 -0.37 7.58
N GLU A 25 -21.03 0.42 8.14
CA GLU A 25 -22.33 0.68 7.52
C GLU A 25 -22.17 1.41 6.20
N ASP A 26 -21.33 2.47 6.20
CA ASP A 26 -21.01 3.30 5.02
C ASP A 26 -20.36 2.44 3.94
N PHE A 27 -19.40 1.59 4.34
CA PHE A 27 -18.66 0.70 3.44
C PHE A 27 -19.58 -0.31 2.77
N LEU A 28 -20.38 -1.02 3.59
CA LEU A 28 -21.29 -2.08 3.12
C LEU A 28 -22.27 -1.62 2.06
N LYS A 29 -22.81 -0.39 2.17
CA LYS A 29 -23.76 0.14 1.18
C LYS A 29 -23.10 0.28 -0.19
N LYS A 30 -21.83 0.76 -0.21
CA LYS A 30 -21.07 0.94 -1.44
C LYS A 30 -20.54 -0.38 -1.99
N TRP A 31 -20.16 -1.30 -1.07
CA TRP A 31 -19.67 -2.63 -1.39
C TRP A 31 -20.76 -3.45 -2.08
N GLU A 32 -22.01 -3.37 -1.57
CA GLU A 32 -23.13 -4.13 -2.15
C GLU A 32 -23.71 -3.52 -3.41
N ASN A 33 -23.50 -2.20 -3.64
CA ASN A 33 -23.98 -1.51 -4.83
C ASN A 33 -22.85 -0.66 -5.42
N PRO A 34 -21.83 -1.27 -6.08
CA PRO A 34 -20.69 -0.47 -6.55
C PRO A 34 -20.95 0.53 -7.66
N ALA A 35 -20.27 1.70 -7.59
CA ALA A 35 -20.33 2.74 -8.63
C ALA A 35 -19.58 2.18 -9.84
N GLN A 36 -20.10 2.46 -11.03
CA GLN A 36 -19.55 1.93 -12.27
C GLN A 36 -19.69 3.00 -13.36
N ASN A 37 -18.70 3.12 -14.27
CA ASN A 37 -18.76 4.01 -15.44
C ASN A 37 -19.04 5.48 -15.08
N THR A 38 -18.16 6.07 -14.26
CA THR A 38 -18.34 7.44 -13.76
C THR A 38 -17.62 8.54 -14.53
N ALA A 39 -16.90 8.18 -15.62
CA ALA A 39 -16.20 9.14 -16.47
C ALA A 39 -15.85 8.50 -17.81
N HIS A 40 -15.16 9.24 -18.68
CA HIS A 40 -14.71 8.74 -19.98
C HIS A 40 -13.29 9.26 -20.18
N LEU A 41 -12.45 8.49 -20.93
CA LEU A 41 -11.05 8.84 -21.22
C LEU A 41 -10.92 10.29 -21.73
N ASP A 42 -11.85 10.69 -22.62
CA ASP A 42 -11.86 11.98 -23.30
C ASP A 42 -12.06 13.19 -22.41
N GLN A 43 -12.41 12.98 -21.14
CA GLN A 43 -12.62 14.04 -20.15
C GLN A 43 -11.30 14.46 -19.48
N PHE A 44 -10.20 13.76 -19.81
CA PHE A 44 -8.90 13.97 -19.18
C PHE A 44 -7.78 14.20 -20.17
N GLU A 45 -6.92 15.15 -19.82
CA GLU A 45 -5.72 15.47 -20.59
C GLU A 45 -4.59 14.69 -19.92
N ARG A 46 -3.92 13.81 -20.66
CA ARG A 46 -2.81 12.99 -20.14
C ARG A 46 -1.50 13.80 -20.14
N ILE A 47 -0.86 13.92 -18.97
CA ILE A 47 0.33 14.74 -18.78
C ILE A 47 1.68 13.97 -18.70
N LYS A 48 1.83 13.06 -17.74
CA LYS A 48 3.10 12.38 -17.54
C LYS A 48 2.88 11.08 -16.80
N THR A 49 3.73 10.08 -17.06
CA THR A 49 3.69 8.82 -16.33
C THR A 49 4.38 9.01 -14.95
N LEU A 50 3.70 8.59 -13.87
CA LEU A 50 4.20 8.67 -12.49
C LEU A 50 4.74 7.34 -11.97
N GLY A 51 4.47 6.27 -12.71
CA GLY A 51 4.85 4.92 -12.31
C GLY A 51 4.34 3.90 -13.29
N THR A 52 4.96 2.72 -13.32
CA THR A 52 4.58 1.64 -14.26
C THR A 52 4.58 0.30 -13.55
N GLY A 53 3.88 -0.66 -14.12
CA GLY A 53 3.75 -2.02 -13.60
C GLY A 53 3.53 -3.02 -14.72
N SER A 54 3.44 -4.30 -14.36
CA SER A 54 3.28 -5.41 -15.30
C SER A 54 2.02 -5.33 -16.20
N PHE A 55 0.92 -4.77 -15.67
CA PHE A 55 -0.27 -4.69 -16.52
C PHE A 55 -0.76 -3.29 -16.88
N GLY A 56 0.08 -2.28 -16.61
CA GLY A 56 -0.21 -0.90 -16.97
C GLY A 56 0.71 0.17 -16.39
N ARG A 57 0.12 1.37 -16.19
CA ARG A 57 0.83 2.55 -15.72
C ARG A 57 -0.09 3.50 -14.96
N VAL A 58 0.52 4.46 -14.27
CA VAL A 58 -0.20 5.52 -13.57
C VAL A 58 0.27 6.82 -14.22
N MET A 59 -0.67 7.66 -14.67
CA MET A 59 -0.35 8.91 -15.33
C MET A 59 -0.96 10.10 -14.60
N LEU A 60 -0.22 11.21 -14.53
CA LEU A 60 -0.79 12.47 -14.04
C LEU A 60 -1.68 12.91 -15.21
N VAL A 61 -2.91 13.29 -14.88
CA VAL A 61 -3.90 13.75 -15.88
C VAL A 61 -4.59 15.03 -15.34
N LYS A 62 -5.22 15.80 -16.23
CA LYS A 62 -5.96 16.97 -15.81
C LYS A 62 -7.39 16.78 -16.26
N HIS A 63 -8.34 16.90 -15.33
CA HIS A 63 -9.75 16.78 -15.65
C HIS A 63 -10.16 18.16 -16.22
N MET A 64 -10.44 18.23 -17.53
CA MET A 64 -10.76 19.50 -18.23
C MET A 64 -11.91 20.34 -17.65
N GLU A 65 -13.03 19.70 -17.33
CA GLU A 65 -14.22 20.36 -16.81
C GLU A 65 -13.98 21.14 -15.49
N THR A 66 -13.08 20.62 -14.62
CA THR A 66 -12.76 21.25 -13.34
C THR A 66 -11.36 21.86 -13.21
N GLY A 67 -10.41 21.44 -14.05
CA GLY A 67 -9.01 21.86 -13.94
C GLY A 67 -8.29 21.11 -12.83
N ASN A 68 -8.95 20.08 -12.25
CA ASN A 68 -8.33 19.26 -11.19
C ASN A 68 -7.34 18.28 -11.76
N HIS A 69 -6.24 18.06 -11.04
CA HIS A 69 -5.25 17.07 -11.44
C HIS A 69 -5.55 15.79 -10.70
N TYR A 70 -5.32 14.64 -11.37
CA TYR A 70 -5.56 13.32 -10.80
C TYR A 70 -4.46 12.41 -11.28
N ALA A 71 -4.37 11.20 -10.65
CA ALA A 71 -3.46 10.12 -10.99
C ALA A 71 -4.33 9.00 -11.57
N MET A 72 -4.23 8.80 -12.89
CA MET A 72 -5.03 7.79 -13.57
C MET A 72 -4.27 6.49 -13.76
N LYS A 73 -4.75 5.41 -13.14
CA LYS A 73 -4.19 4.05 -13.29
C LYS A 73 -4.83 3.42 -14.54
N ILE A 74 -4.00 3.02 -15.50
CA ILE A 74 -4.48 2.42 -16.74
C ILE A 74 -4.02 0.98 -16.76
N LEU A 75 -4.96 0.04 -16.88
CA LEU A 75 -4.62 -1.40 -16.90
C LEU A 75 -5.03 -1.96 -18.23
N ASP A 76 -4.13 -2.67 -18.88
CA ASP A 76 -4.40 -3.33 -20.15
C ASP A 76 -5.16 -4.63 -19.80
N LYS A 77 -6.44 -4.75 -20.19
CA LYS A 77 -7.25 -5.93 -19.90
C LYS A 77 -6.59 -7.23 -20.31
N GLN A 78 -5.98 -7.26 -21.52
CA GLN A 78 -5.32 -8.48 -22.05
C GLN A 78 -4.14 -8.89 -21.19
N LYS A 79 -3.39 -7.91 -20.70
CA LYS A 79 -2.26 -8.17 -19.80
C LYS A 79 -2.74 -8.66 -18.44
N VAL A 80 -3.85 -8.07 -17.93
CA VAL A 80 -4.47 -8.53 -16.66
C VAL A 80 -4.86 -10.02 -16.78
N VAL A 81 -5.52 -10.40 -17.92
CA VAL A 81 -5.97 -11.77 -18.18
C VAL A 81 -4.75 -12.73 -18.20
N LYS A 82 -3.69 -12.40 -18.97
CA LYS A 82 -2.46 -13.19 -19.05
C LYS A 82 -1.81 -13.44 -17.70
N LEU A 83 -1.85 -12.44 -16.81
CA LEU A 83 -1.24 -12.52 -15.48
C LEU A 83 -2.15 -13.14 -14.40
N LYS A 84 -3.34 -13.56 -14.79
CA LYS A 84 -4.37 -14.19 -13.94
C LYS A 84 -4.75 -13.29 -12.78
N GLN A 85 -4.88 -11.99 -13.09
CA GLN A 85 -5.20 -11.00 -12.06
C GLN A 85 -6.61 -10.41 -12.26
N ILE A 86 -7.50 -11.14 -12.97
CA ILE A 86 -8.87 -10.68 -13.22
C ILE A 86 -9.58 -10.42 -11.89
N GLU A 87 -9.67 -11.46 -11.04
CA GLU A 87 -10.36 -11.39 -9.75
C GLU A 87 -9.71 -10.32 -8.83
N HIS A 88 -8.38 -10.24 -8.82
CA HIS A 88 -7.64 -9.24 -8.03
C HIS A 88 -7.97 -7.77 -8.47
N THR A 89 -8.17 -7.55 -9.78
CA THR A 89 -8.49 -6.22 -10.33
C THR A 89 -9.96 -5.82 -9.99
N LEU A 90 -10.88 -6.78 -10.07
CA LEU A 90 -12.29 -6.55 -9.69
C LEU A 90 -12.33 -6.24 -8.19
N ASN A 91 -11.55 -6.97 -7.35
CA ASN A 91 -11.45 -6.70 -5.90
C ASN A 91 -10.94 -5.27 -5.67
N GLU A 92 -9.85 -4.87 -6.38
CA GLU A 92 -9.26 -3.54 -6.21
C GLU A 92 -10.26 -2.39 -6.42
N LYS A 93 -10.96 -2.42 -7.54
CA LYS A 93 -11.94 -1.38 -7.88
C LYS A 93 -13.16 -1.39 -6.95
N ARG A 94 -13.71 -2.58 -6.69
CA ARG A 94 -14.88 -2.73 -5.80
C ARG A 94 -14.57 -2.26 -4.35
N ILE A 95 -13.36 -2.60 -3.87
CA ILE A 95 -12.95 -2.15 -2.53
C ILE A 95 -12.72 -0.63 -2.51
N LEU A 96 -11.90 -0.12 -3.46
CA LEU A 96 -11.54 1.29 -3.52
C LEU A 96 -12.71 2.25 -3.61
N GLN A 97 -13.73 1.87 -4.40
CA GLN A 97 -14.91 2.70 -4.53
C GLN A 97 -15.77 2.69 -3.25
N ALA A 98 -15.51 1.72 -2.34
CA ALA A 98 -16.33 1.60 -1.14
C ALA A 98 -15.69 2.14 0.15
N VAL A 99 -14.36 2.30 0.17
CA VAL A 99 -13.63 2.72 1.38
C VAL A 99 -13.56 4.25 1.52
N ASN A 100 -13.27 4.73 2.75
CA ASN A 100 -13.19 6.15 3.04
C ASN A 100 -12.42 6.32 4.31
N PHE A 101 -11.16 6.73 4.20
CA PHE A 101 -10.29 6.90 5.36
C PHE A 101 -9.24 7.96 5.06
N PRO A 102 -8.82 8.80 6.04
CA PRO A 102 -7.85 9.87 5.73
C PRO A 102 -6.54 9.41 5.10
N PHE A 103 -6.08 8.16 5.38
CA PHE A 103 -4.79 7.69 4.88
C PHE A 103 -4.88 6.75 3.69
N LEU A 104 -6.04 6.71 3.01
CA LEU A 104 -6.19 5.90 1.81
C LEU A 104 -6.37 6.82 0.64
N VAL A 105 -5.63 6.58 -0.47
CA VAL A 105 -5.80 7.39 -1.70
C VAL A 105 -7.24 7.14 -2.17
N LYS A 106 -7.94 8.24 -2.47
CA LYS A 106 -9.32 8.22 -2.90
C LYS A 106 -9.48 7.90 -4.39
N LEU A 107 -10.42 6.98 -4.73
CA LEU A 107 -10.81 6.68 -6.11
C LEU A 107 -11.90 7.69 -6.46
N GLU A 108 -11.61 8.55 -7.44
CA GLU A 108 -12.52 9.61 -7.88
C GLU A 108 -13.49 9.13 -8.93
N PHE A 109 -12.98 8.39 -9.93
CA PHE A 109 -13.81 7.88 -11.01
C PHE A 109 -13.25 6.54 -11.46
N SER A 110 -14.08 5.76 -12.12
CA SER A 110 -13.63 4.53 -12.79
C SER A 110 -14.44 4.32 -14.03
N PHE A 111 -13.84 3.71 -15.05
CA PHE A 111 -14.48 3.38 -16.32
C PHE A 111 -13.57 2.42 -17.09
N LYS A 112 -14.05 1.92 -18.23
CA LYS A 112 -13.30 1.02 -19.09
C LYS A 112 -13.65 1.32 -20.56
N ASP A 113 -12.79 0.87 -21.47
CA ASP A 113 -13.07 0.99 -22.90
C ASP A 113 -12.78 -0.35 -23.53
N ASN A 114 -12.64 -0.41 -24.86
CA ASN A 114 -12.35 -1.67 -25.55
C ASN A 114 -11.06 -2.34 -25.07
N SER A 115 -10.06 -1.53 -24.68
CA SER A 115 -8.73 -2.03 -24.33
C SER A 115 -8.35 -2.10 -22.88
N ASN A 116 -8.71 -1.08 -22.12
CA ASN A 116 -8.21 -0.86 -20.78
C ASN A 116 -9.25 -0.65 -19.72
N LEU A 117 -8.79 -0.70 -18.47
CA LEU A 117 -9.58 -0.36 -17.28
C LEU A 117 -8.92 0.89 -16.77
N TYR A 118 -9.72 1.82 -16.21
CA TYR A 118 -9.19 3.07 -15.71
C TYR A 118 -9.68 3.35 -14.31
N MET A 119 -8.76 3.72 -13.44
CA MET A 119 -9.08 4.09 -12.05
C MET A 119 -8.42 5.44 -11.85
N VAL A 120 -9.24 6.48 -11.72
CA VAL A 120 -8.78 7.85 -11.54
C VAL A 120 -8.78 8.15 -10.07
N MET A 121 -7.58 8.34 -9.52
CA MET A 121 -7.36 8.58 -8.12
C MET A 121 -7.00 10.04 -7.89
N GLU A 122 -7.11 10.47 -6.62
CA GLU A 122 -6.62 11.76 -6.17
C GLU A 122 -5.10 11.76 -6.39
N TYR A 123 -4.57 12.89 -6.89
CA TYR A 123 -3.13 13.04 -7.14
C TYR A 123 -2.43 13.42 -5.85
N VAL A 124 -1.45 12.61 -5.44
CA VAL A 124 -0.68 12.85 -4.20
C VAL A 124 0.72 13.34 -4.66
N PRO A 125 0.97 14.66 -4.57
CA PRO A 125 2.19 15.25 -5.16
C PRO A 125 3.56 15.04 -4.52
N GLY A 126 3.60 14.67 -3.24
CA GLY A 126 4.85 14.52 -2.50
C GLY A 126 5.74 13.35 -2.88
N GLY A 127 5.26 12.46 -3.74
CA GLY A 127 6.07 11.31 -4.16
C GLY A 127 5.97 10.12 -3.22
N GLU A 128 6.63 9.01 -3.59
CA GLU A 128 6.60 7.79 -2.79
C GLU A 128 7.50 7.89 -1.59
N MET A 129 7.10 7.25 -0.46
CA MET A 129 7.94 7.16 0.72
C MET A 129 9.24 6.46 0.28
N PHE A 130 9.15 5.48 -0.66
CA PHE A 130 10.31 4.76 -1.19
C PHE A 130 11.41 5.72 -1.64
N SER A 131 11.03 6.73 -2.45
CA SER A 131 11.98 7.73 -2.99
C SER A 131 12.68 8.47 -1.87
N HIS A 132 11.90 8.97 -0.90
CA HIS A 132 12.46 9.75 0.20
C HIS A 132 13.32 8.92 1.14
N LEU A 133 12.87 7.69 1.44
CA LEU A 133 13.62 6.79 2.33
C LEU A 133 14.98 6.42 1.72
N ARG A 134 15.01 6.06 0.44
CA ARG A 134 16.26 5.68 -0.22
C ARG A 134 17.24 6.84 -0.31
N ARG A 135 16.75 8.04 -0.68
CA ARG A 135 17.57 9.23 -0.82
C ARG A 135 18.19 9.63 0.53
N ILE A 136 17.33 9.80 1.56
CA ILE A 136 17.70 10.23 2.93
C ILE A 136 18.52 9.13 3.65
N GLY A 137 18.25 7.88 3.33
CA GLY A 137 18.95 6.75 3.93
C GLY A 137 18.06 6.04 4.92
N ARG A 138 17.67 6.74 6.00
CA ARG A 138 16.79 6.18 7.03
C ARG A 138 16.07 7.31 7.73
N PHE A 139 14.98 6.99 8.42
CA PHE A 139 14.22 7.99 9.15
C PHE A 139 14.52 7.81 10.62
N SER A 140 14.44 8.92 11.39
CA SER A 140 14.64 8.90 12.84
C SER A 140 13.47 8.13 13.43
N GLU A 141 13.61 7.58 14.65
CA GLU A 141 12.50 6.86 15.29
C GLU A 141 11.21 7.71 15.38
N PRO A 142 11.25 9.02 15.77
CA PRO A 142 10.00 9.83 15.76
C PRO A 142 9.38 9.99 14.37
N HIS A 143 10.22 10.10 13.31
CA HIS A 143 9.77 10.22 11.90
C HIS A 143 9.09 8.89 11.49
N ALA A 144 9.75 7.73 11.70
CA ALA A 144 9.22 6.39 11.42
C ALA A 144 7.92 6.15 12.20
N ARG A 145 7.89 6.56 13.50
CA ARG A 145 6.73 6.42 14.39
C ARG A 145 5.51 7.16 13.87
N PHE A 146 5.69 8.40 13.39
CA PHE A 146 4.64 9.24 12.81
C PHE A 146 3.96 8.48 11.62
N TYR A 147 4.77 7.90 10.73
CA TYR A 147 4.24 7.10 9.61
C TYR A 147 3.60 5.80 10.05
N ALA A 148 4.28 5.06 10.95
CA ALA A 148 3.80 3.79 11.46
C ALA A 148 2.43 3.92 12.11
N ALA A 149 2.19 5.02 12.89
CA ALA A 149 0.89 5.27 13.53
C ALA A 149 -0.23 5.35 12.50
N GLN A 150 0.05 6.00 11.35
CA GLN A 150 -0.93 6.12 10.28
C GLN A 150 -1.29 4.78 9.70
N ILE A 151 -0.30 3.89 9.55
CA ILE A 151 -0.54 2.54 9.02
C ILE A 151 -1.35 1.72 10.06
N VAL A 152 -1.03 1.89 11.36
CA VAL A 152 -1.73 1.18 12.45
C VAL A 152 -3.23 1.48 12.37
N LEU A 153 -3.58 2.76 12.23
CA LEU A 153 -4.97 3.19 12.13
C LEU A 153 -5.61 2.71 10.82
N THR A 154 -4.86 2.75 9.70
CA THR A 154 -5.37 2.28 8.42
C THR A 154 -5.72 0.79 8.48
N PHE A 155 -4.83 -0.04 9.03
CA PHE A 155 -5.08 -1.48 9.15
C PHE A 155 -6.20 -1.75 10.12
N GLU A 156 -6.26 -1.01 11.23
CA GLU A 156 -7.39 -1.15 12.16
C GLU A 156 -8.72 -0.91 11.37
N TYR A 157 -8.79 0.17 10.54
CA TYR A 157 -9.96 0.47 9.69
C TYR A 157 -10.23 -0.65 8.68
N LEU A 158 -9.23 -1.01 7.86
CA LEU A 158 -9.40 -2.05 6.83
C LEU A 158 -9.82 -3.38 7.40
N HIS A 159 -9.12 -3.85 8.45
CA HIS A 159 -9.38 -5.15 9.07
C HIS A 159 -10.77 -5.22 9.66
N SER A 160 -11.30 -4.08 10.15
CA SER A 160 -12.66 -4.03 10.72
C SER A 160 -13.74 -4.25 9.66
N LEU A 161 -13.39 -3.99 8.36
CA LEU A 161 -14.25 -4.14 7.20
C LEU A 161 -14.08 -5.51 6.56
N ASP A 162 -13.32 -6.39 7.23
CA ASP A 162 -12.94 -7.73 6.78
C ASP A 162 -11.97 -7.65 5.58
N LEU A 163 -11.21 -6.57 5.49
CA LEU A 163 -10.26 -6.45 4.37
C LEU A 163 -8.85 -6.76 4.77
N ILE A 164 -8.16 -7.54 3.93
CA ILE A 164 -6.74 -7.86 4.12
C ILE A 164 -6.03 -7.02 3.02
N TYR A 165 -4.94 -6.32 3.36
CA TYR A 165 -4.31 -5.41 2.39
C TYR A 165 -3.25 -6.12 1.51
N ARG A 166 -2.33 -6.83 2.17
CA ARG A 166 -1.37 -7.72 1.52
C ARG A 166 -0.30 -7.09 0.60
N ASP A 167 -0.14 -5.76 0.58
CA ASP A 167 0.98 -5.23 -0.21
C ASP A 167 1.67 -4.03 0.43
N LEU A 168 1.82 -4.07 1.75
CA LEU A 168 2.48 -2.94 2.42
C LEU A 168 3.96 -2.87 2.07
N LYS A 169 4.42 -1.69 1.63
CA LYS A 169 5.84 -1.42 1.33
C LYS A 169 6.00 0.06 1.07
N PRO A 170 7.21 0.63 1.21
CA PRO A 170 7.40 2.08 0.94
C PRO A 170 6.98 2.53 -0.47
N GLU A 171 7.07 1.62 -1.45
CA GLU A 171 6.72 1.88 -2.85
C GLU A 171 5.24 2.24 -2.98
N ASN A 172 4.40 1.69 -2.08
CA ASN A 172 2.93 1.88 -2.12
C ASN A 172 2.46 2.95 -1.15
N LEU A 173 3.37 3.76 -0.62
CA LEU A 173 2.95 4.79 0.33
C LEU A 173 3.33 6.16 -0.22
N LEU A 174 2.35 7.01 -0.41
CA LEU A 174 2.58 8.33 -0.98
C LEU A 174 2.53 9.40 0.09
N ILE A 175 3.34 10.47 -0.04
CA ILE A 175 3.38 11.57 0.95
C ILE A 175 2.60 12.74 0.39
N ASP A 176 1.58 13.21 1.15
CA ASP A 176 0.78 14.34 0.69
C ASP A 176 1.43 15.69 1.05
N GLN A 177 0.78 16.81 0.63
CA GLN A 177 1.25 18.18 0.89
C GLN A 177 1.41 18.52 2.36
N GLN A 178 0.66 17.85 3.25
CA GLN A 178 0.74 18.01 4.70
C GLN A 178 1.76 17.09 5.36
N GLY A 179 2.44 16.25 4.56
CA GLY A 179 3.45 15.30 5.03
C GLY A 179 2.90 14.01 5.62
N TYR A 180 1.61 13.74 5.41
CA TYR A 180 0.93 12.53 5.86
C TYR A 180 0.93 11.47 4.75
N ILE A 181 0.84 10.21 5.15
CA ILE A 181 0.81 9.04 4.27
C ILE A 181 -0.55 8.89 3.59
N GLN A 182 -0.51 8.39 2.35
CA GLN A 182 -1.68 8.00 1.55
C GLN A 182 -1.32 6.59 1.01
N VAL A 183 -2.10 5.58 1.40
CA VAL A 183 -1.89 4.21 0.96
C VAL A 183 -2.49 4.02 -0.41
N THR A 184 -1.68 3.48 -1.31
CA THR A 184 -2.13 3.18 -2.66
C THR A 184 -1.97 1.68 -2.96
N ASP A 185 -2.41 1.24 -4.13
CA ASP A 185 -2.28 -0.14 -4.62
C ASP A 185 -3.08 -1.16 -3.85
N PHE A 186 -4.33 -1.30 -4.25
CA PHE A 186 -5.25 -2.26 -3.67
C PHE A 186 -5.39 -3.52 -4.52
N GLY A 187 -4.43 -3.74 -5.42
CA GLY A 187 -4.39 -4.90 -6.31
C GLY A 187 -4.41 -6.26 -5.64
N PHE A 188 -3.91 -6.37 -4.39
CA PHE A 188 -3.96 -7.64 -3.66
C PHE A 188 -4.93 -7.60 -2.49
N ALA A 189 -5.68 -6.49 -2.35
CA ALA A 189 -6.63 -6.36 -1.25
C ALA A 189 -7.84 -7.29 -1.50
N LYS A 190 -8.37 -7.89 -0.44
CA LYS A 190 -9.48 -8.83 -0.58
C LYS A 190 -10.38 -8.74 0.64
N ARG A 191 -11.71 -8.87 0.45
CA ARG A 191 -12.68 -8.91 1.54
C ARG A 191 -12.84 -10.42 1.88
N VAL A 192 -12.37 -10.81 3.03
CA VAL A 192 -12.35 -12.22 3.42
C VAL A 192 -12.61 -12.38 4.93
N LYS A 193 -13.57 -13.24 5.28
CA LYS A 193 -13.89 -13.52 6.67
C LYS A 193 -13.05 -14.70 7.21
N GLY A 194 -12.80 -15.70 6.39
CA GLY A 194 -12.01 -16.83 6.83
C GLY A 194 -10.53 -16.70 6.51
N ARG A 195 -9.87 -17.83 6.30
CA ARG A 195 -8.46 -17.82 5.95
C ARG A 195 -8.31 -17.81 4.43
N THR A 196 -7.16 -17.36 3.94
CA THR A 196 -6.96 -17.29 2.50
C THR A 196 -5.63 -17.94 2.14
N TRP A 197 -5.42 -18.28 0.85
CA TRP A 197 -4.24 -19.06 0.48
C TRP A 197 -3.37 -18.47 -0.61
N TPO A 198 -3.81 -17.45 -1.31
CA TPO A 198 -3.06 -16.92 -2.45
CB TPO A 198 -3.81 -15.81 -3.22
CG2 TPO A 198 -3.06 -15.49 -4.57
OG1 TPO A 198 -5.15 -16.21 -3.51
P TPO A 198 -6.23 -15.28 -2.84
O1P TPO A 198 -7.49 -16.09 -3.14
O2P TPO A 198 -5.98 -15.21 -1.35
O3P TPO A 198 -6.19 -13.92 -3.42
C TPO A 198 -1.64 -16.47 -2.08
O TPO A 198 -1.44 -15.71 -1.14
N LEU A 199 -0.66 -16.96 -2.83
CA LEU A 199 0.72 -16.55 -2.64
C LEU A 199 0.80 -15.19 -3.35
N CYS A 200 0.84 -14.10 -2.58
CA CYS A 200 0.98 -12.76 -3.15
C CYS A 200 1.62 -11.84 -2.16
N GLY A 201 2.25 -10.82 -2.71
CA GLY A 201 2.90 -9.77 -1.94
C GLY A 201 4.25 -9.45 -2.52
N THR A 202 5.15 -8.89 -1.71
CA THR A 202 6.52 -8.54 -2.11
C THR A 202 7.47 -9.38 -1.24
N PRO A 203 8.50 -10.06 -1.84
CA PRO A 203 9.36 -10.97 -1.07
C PRO A 203 9.81 -10.52 0.32
N GLU A 204 10.44 -9.33 0.43
CA GLU A 204 10.93 -8.78 1.71
C GLU A 204 9.85 -8.64 2.77
N TYR A 205 8.57 -8.47 2.36
CA TYR A 205 7.43 -8.20 3.26
C TYR A 205 6.55 -9.42 3.57
N LEU A 206 6.82 -10.57 2.97
CA LEU A 206 5.97 -11.75 3.17
C LEU A 206 6.13 -12.38 4.55
N ALA A 207 5.00 -12.62 5.24
CA ALA A 207 4.96 -13.33 6.52
C ALA A 207 5.34 -14.80 6.30
N PRO A 208 5.99 -15.49 7.27
CA PRO A 208 6.40 -16.90 7.03
C PRO A 208 5.24 -17.83 6.63
N GLU A 209 4.00 -17.62 7.17
CA GLU A 209 2.78 -18.42 6.83
C GLU A 209 2.55 -18.38 5.31
N ILE A 210 2.78 -17.23 4.67
CA ILE A 210 2.55 -17.12 3.22
C ILE A 210 3.58 -17.97 2.47
N ILE A 211 4.87 -17.82 2.83
CA ILE A 211 5.98 -18.56 2.23
C ILE A 211 5.76 -20.07 2.35
N LEU A 212 5.32 -20.50 3.53
CA LEU A 212 5.11 -21.92 3.85
C LEU A 212 3.80 -22.55 3.35
N SER A 213 3.07 -21.83 2.48
CA SER A 213 1.83 -22.25 1.83
C SER A 213 0.76 -22.70 2.80
N LYS A 214 0.71 -22.01 3.92
CA LYS A 214 -0.31 -22.24 4.94
C LYS A 214 -1.43 -21.28 4.60
N GLY A 215 -2.61 -21.54 5.14
CA GLY A 215 -3.73 -20.61 5.03
C GLY A 215 -3.35 -19.46 5.95
N TYR A 216 -3.73 -18.23 5.60
CA TYR A 216 -3.32 -17.14 6.50
C TYR A 216 -4.42 -16.16 6.62
N ASN A 217 -4.26 -15.19 7.51
CA ASN A 217 -5.27 -14.16 7.72
C ASN A 217 -4.62 -12.78 7.84
N LYS A 218 -5.33 -11.82 8.42
CA LYS A 218 -4.92 -10.43 8.58
C LYS A 218 -3.63 -10.20 9.38
N ALA A 219 -3.15 -11.22 10.12
CA ALA A 219 -1.91 -11.12 10.88
C ALA A 219 -0.72 -10.90 9.93
N VAL A 220 -0.85 -11.24 8.62
CA VAL A 220 0.19 -11.00 7.61
C VAL A 220 0.45 -9.48 7.42
N ASP A 221 -0.60 -8.67 7.55
CA ASP A 221 -0.51 -7.20 7.45
C ASP A 221 0.30 -6.68 8.65
N TRP A 222 0.10 -7.28 9.86
CA TRP A 222 0.87 -6.87 11.06
C TRP A 222 2.34 -7.27 11.00
N TRP A 223 2.64 -8.43 10.42
CA TRP A 223 4.04 -8.83 10.18
C TRP A 223 4.65 -7.80 9.20
N ALA A 224 3.92 -7.46 8.09
CA ALA A 224 4.40 -6.48 7.08
C ALA A 224 4.66 -5.10 7.73
N LEU A 225 3.83 -4.69 8.72
CA LEU A 225 4.09 -3.45 9.46
C LEU A 225 5.46 -3.52 10.18
N GLY A 226 5.78 -4.66 10.78
CA GLY A 226 7.08 -4.88 11.42
C GLY A 226 8.23 -4.67 10.43
N VAL A 227 8.07 -5.22 9.20
CA VAL A 227 9.08 -5.07 8.14
C VAL A 227 9.25 -3.58 7.77
N LEU A 228 8.13 -2.87 7.59
CA LEU A 228 8.11 -1.46 7.22
C LEU A 228 8.76 -0.57 8.28
N ILE A 229 8.39 -0.75 9.55
CA ILE A 229 8.97 0.04 10.66
C ILE A 229 10.48 -0.21 10.69
N TYR A 230 10.91 -1.48 10.60
CA TYR A 230 12.33 -1.81 10.59
C TYR A 230 13.04 -1.07 9.40
N GLU A 231 12.50 -1.25 8.17
CA GLU A 231 13.05 -0.61 6.98
C GLU A 231 13.13 0.91 7.12
N MET A 232 12.06 1.56 7.62
CA MET A 232 12.08 3.02 7.80
C MET A 232 13.16 3.48 8.78
N ALA A 233 13.28 2.79 9.92
CA ALA A 233 14.23 3.16 10.96
C ALA A 233 15.67 2.72 10.69
N ALA A 234 15.88 1.59 10.00
CA ALA A 234 17.24 1.12 9.69
C ALA A 234 17.76 1.61 8.35
N GLY A 235 16.86 1.82 7.38
CA GLY A 235 17.24 2.21 6.03
C GLY A 235 17.34 1.04 5.06
N TYR A 236 17.18 -0.18 5.59
CA TYR A 236 17.18 -1.41 4.83
C TYR A 236 16.21 -2.39 5.51
N PRO A 237 15.62 -3.36 4.78
CA PRO A 237 14.67 -4.29 5.42
C PRO A 237 15.35 -5.36 6.30
N PRO A 238 14.59 -6.01 7.20
CA PRO A 238 15.19 -7.02 8.09
C PRO A 238 15.69 -8.29 7.39
N PHE A 239 15.15 -8.59 6.19
CA PHE A 239 15.51 -9.76 5.41
C PHE A 239 15.71 -9.36 3.95
N PHE A 240 16.97 -9.33 3.51
CA PHE A 240 17.25 -9.06 2.11
C PHE A 240 18.36 -9.97 1.58
N ALA A 241 18.39 -10.20 0.26
CA ALA A 241 19.36 -11.05 -0.44
C ALA A 241 19.16 -10.76 -1.90
N ASP A 242 20.06 -11.20 -2.78
CA ASP A 242 19.89 -10.94 -4.21
C ASP A 242 18.75 -11.70 -4.85
N GLN A 243 18.44 -12.91 -4.35
CA GLN A 243 17.39 -13.76 -4.91
C GLN A 243 16.24 -14.02 -3.95
N PRO A 244 14.96 -13.94 -4.42
CA PRO A 244 13.82 -14.18 -3.52
C PRO A 244 13.87 -15.47 -2.68
N ILE A 245 14.39 -16.60 -3.24
CA ILE A 245 14.54 -17.86 -2.50
C ILE A 245 15.36 -17.66 -1.23
N GLN A 246 16.47 -16.88 -1.31
CA GLN A 246 17.35 -16.58 -0.19
C GLN A 246 16.66 -15.68 0.83
N ILE A 247 15.79 -14.75 0.36
CA ILE A 247 14.99 -13.89 1.23
C ILE A 247 14.00 -14.75 2.03
N TYR A 248 13.36 -15.72 1.36
CA TYR A 248 12.40 -16.65 2.00
C TYR A 248 13.06 -17.49 3.10
N GLU A 249 14.31 -17.95 2.86
CA GLU A 249 15.05 -18.74 3.87
C GLU A 249 15.28 -17.92 5.13
N LYS A 250 15.68 -16.61 4.98
CA LYS A 250 15.90 -15.68 6.10
C LYS A 250 14.61 -15.44 6.88
N ILE A 251 13.49 -15.20 6.17
CA ILE A 251 12.19 -14.94 6.80
C ILE A 251 11.71 -16.12 7.64
N VAL A 252 11.75 -17.35 7.07
CA VAL A 252 11.29 -18.53 7.81
C VAL A 252 12.09 -18.85 9.07
N SER A 253 13.40 -18.51 9.08
CA SER A 253 14.24 -18.67 10.29
C SER A 253 13.74 -17.62 11.30
N GLY A 254 13.44 -16.41 10.79
CA GLY A 254 12.92 -15.30 11.57
C GLY A 254 13.93 -14.68 12.53
N LYS A 255 15.22 -15.03 12.36
CA LYS A 255 16.30 -14.46 13.13
C LYS A 255 16.43 -13.06 12.57
N VAL A 256 16.19 -12.06 13.41
CA VAL A 256 16.31 -10.68 13.00
C VAL A 256 17.41 -10.09 13.85
N ARG A 257 18.30 -9.30 13.23
CA ARG A 257 19.33 -8.56 13.94
C ARG A 257 18.93 -7.10 13.83
N PHE A 258 19.11 -6.34 14.92
CA PHE A 258 18.75 -4.93 14.89
C PHE A 258 19.96 -4.03 14.89
N PRO A 259 19.95 -2.88 14.16
CA PRO A 259 21.09 -1.94 14.24
C PRO A 259 21.28 -1.50 15.70
N SER A 260 22.53 -1.20 16.08
CA SER A 260 22.88 -0.75 17.44
C SER A 260 22.13 0.52 17.86
N HIS A 261 21.76 1.38 16.88
CA HIS A 261 21.02 2.61 17.13
C HIS A 261 19.52 2.45 17.44
N PHE A 262 18.96 1.24 17.23
CA PHE A 262 17.54 1.00 17.55
C PHE A 262 17.37 1.03 19.06
N SER A 263 16.39 1.82 19.54
CA SER A 263 16.05 1.93 20.95
C SER A 263 15.54 0.56 21.44
N SER A 264 15.55 0.36 22.79
CA SER A 264 15.07 -0.88 23.40
C SER A 264 13.57 -1.13 23.12
N ASP A 265 12.76 -0.06 23.18
CA ASP A 265 11.32 -0.07 22.91
C ASP A 265 11.05 -0.49 21.46
N LEU A 266 11.83 0.05 20.50
CA LEU A 266 11.68 -0.29 19.09
C LEU A 266 11.94 -1.77 18.85
N LYS A 267 13.05 -2.29 19.40
CA LYS A 267 13.42 -3.70 19.23
C LYS A 267 12.37 -4.63 19.78
N ASP A 268 11.79 -4.27 20.93
CA ASP A 268 10.74 -5.05 21.58
C ASP A 268 9.46 -5.02 20.74
N LEU A 269 9.06 -3.85 20.20
CA LEU A 269 7.88 -3.77 19.33
C LEU A 269 8.10 -4.66 18.08
N LEU A 270 9.31 -4.60 17.48
CA LEU A 270 9.63 -5.39 16.29
C LEU A 270 9.69 -6.88 16.55
N ARG A 271 10.17 -7.28 17.75
CA ARG A 271 10.18 -8.70 18.07
C ARG A 271 8.76 -9.25 18.20
N ASN A 272 7.80 -8.42 18.63
CA ASN A 272 6.40 -8.83 18.74
C ASN A 272 5.65 -8.82 17.37
N LEU A 273 6.04 -7.92 16.45
CA LEU A 273 5.43 -7.82 15.12
C LEU A 273 6.03 -8.88 14.20
N LEU A 274 7.35 -9.05 14.24
CA LEU A 274 8.08 -10.02 13.43
C LEU A 274 8.19 -11.35 14.17
N GLN A 275 7.04 -11.78 14.65
CA GLN A 275 6.89 -12.99 15.42
C GLN A 275 6.39 -14.08 14.51
N VAL A 276 7.21 -15.14 14.34
CA VAL A 276 6.88 -16.30 13.52
C VAL A 276 5.67 -17.05 14.11
N ASP A 277 5.50 -17.02 15.46
CA ASP A 277 4.38 -17.66 16.18
C ASP A 277 3.10 -16.78 16.18
N LEU A 278 2.07 -17.18 15.44
CA LEU A 278 0.80 -16.45 15.36
C LEU A 278 0.06 -16.23 16.68
N THR A 279 0.24 -17.14 17.66
CA THR A 279 -0.40 -17.00 18.98
C THR A 279 0.33 -15.93 19.80
N LYS A 280 1.49 -15.47 19.30
CA LYS A 280 2.32 -14.47 19.96
C LYS A 280 2.41 -13.16 19.17
N ARG A 281 2.07 -13.16 17.86
CA ARG A 281 2.21 -11.93 17.06
C ARG A 281 1.26 -10.77 17.44
N PHE A 282 1.82 -9.58 17.77
CA PHE A 282 1.03 -8.38 18.06
C PHE A 282 0.12 -8.04 16.89
N GLY A 283 -1.09 -7.61 17.22
CA GLY A 283 -2.16 -7.37 16.27
C GLY A 283 -3.05 -8.61 16.15
N ASN A 284 -2.48 -9.81 16.40
CA ASN A 284 -3.19 -11.09 16.30
C ASN A 284 -3.70 -11.68 17.63
N LEU A 285 -3.43 -11.00 18.76
CA LEU A 285 -3.83 -11.50 20.07
C LEU A 285 -5.25 -11.09 20.44
N LYS A 286 -5.74 -11.55 21.60
CA LYS A 286 -7.10 -11.26 22.08
C LYS A 286 -7.40 -9.78 22.16
N ASN A 287 -6.38 -8.95 22.48
CA ASN A 287 -6.52 -7.49 22.55
C ASN A 287 -6.34 -6.79 21.18
N GLY A 288 -6.09 -7.57 20.13
CA GLY A 288 -5.94 -7.10 18.76
C GLY A 288 -4.94 -5.97 18.60
N VAL A 289 -5.40 -4.87 17.99
CA VAL A 289 -4.59 -3.68 17.67
C VAL A 289 -4.13 -2.92 18.91
N ASN A 290 -4.88 -3.06 20.03
CA ASN A 290 -4.55 -2.37 21.29
C ASN A 290 -3.19 -2.73 21.85
N ASP A 291 -2.74 -3.97 21.62
CA ASP A 291 -1.40 -4.44 22.01
C ASP A 291 -0.33 -3.61 21.28
N ILE A 292 -0.65 -3.10 20.07
CA ILE A 292 0.28 -2.25 19.31
C ILE A 292 0.14 -0.81 19.77
N LYS A 293 -1.11 -0.28 19.79
CA LYS A 293 -1.36 1.11 20.17
C LYS A 293 -0.85 1.46 21.57
N ASN A 294 -0.90 0.49 22.50
CA ASN A 294 -0.49 0.66 23.90
C ASN A 294 0.98 0.34 24.13
N HIS A 295 1.71 -0.12 23.08
CA HIS A 295 3.14 -0.44 23.25
C HIS A 295 3.94 0.82 23.64
N LYS A 296 5.03 0.60 24.39
CA LYS A 296 5.97 1.60 24.91
C LYS A 296 6.50 2.52 23.80
N TRP A 297 6.86 1.95 22.63
CA TRP A 297 7.37 2.74 21.50
C TRP A 297 6.38 3.78 20.99
N PHE A 298 5.07 3.53 21.17
CA PHE A 298 4.02 4.47 20.78
C PHE A 298 3.51 5.34 21.94
N ALA A 299 4.16 5.29 23.13
CA ALA A 299 3.75 6.06 24.33
C ALA A 299 3.51 7.55 24.07
N THR A 300 4.31 8.16 23.19
CA THR A 300 4.18 9.59 22.84
C THR A 300 3.17 9.83 21.72
N THR A 301 2.62 8.77 21.13
CA THR A 301 1.67 8.95 20.03
C THR A 301 0.28 9.28 20.54
N ASP A 302 -0.27 10.40 20.06
CA ASP A 302 -1.64 10.79 20.32
C ASP A 302 -2.41 10.32 19.08
N TRP A 303 -3.00 9.13 19.17
CA TRP A 303 -3.76 8.44 18.12
C TRP A 303 -4.89 9.27 17.50
N ILE A 304 -5.69 9.97 18.36
CA ILE A 304 -6.80 10.81 17.90
C ILE A 304 -6.24 11.96 17.04
N ALA A 305 -5.17 12.62 17.54
CA ALA A 305 -4.51 13.73 16.86
C ALA A 305 -3.91 13.29 15.51
N ILE A 306 -3.39 12.04 15.42
CA ILE A 306 -2.85 11.51 14.16
C ILE A 306 -4.01 11.38 13.15
N TYR A 307 -5.12 10.74 13.58
CA TYR A 307 -6.33 10.56 12.78
C TYR A 307 -6.89 11.89 12.28
N GLN A 308 -6.91 12.91 13.17
CA GLN A 308 -7.42 14.25 12.89
C GLN A 308 -6.43 15.11 12.14
N ARG A 309 -5.20 14.59 11.89
CA ARG A 309 -4.15 15.28 11.15
C ARG A 309 -3.70 16.59 11.83
N LYS A 310 -3.75 16.62 13.16
CA LYS A 310 -3.32 17.82 13.88
C LYS A 310 -1.87 17.75 14.38
N VAL A 311 -1.19 16.60 14.18
CA VAL A 311 0.22 16.41 14.55
C VAL A 311 1.10 17.05 13.47
N GLU A 312 2.17 17.75 13.85
CA GLU A 312 3.02 18.36 12.83
C GLU A 312 3.92 17.32 12.20
N ALA A 313 3.90 17.24 10.86
CA ALA A 313 4.67 16.23 10.13
C ALA A 313 6.18 16.45 10.20
N PRO A 314 7.00 15.39 10.33
CA PRO A 314 8.47 15.58 10.38
C PRO A 314 9.06 16.07 9.06
N PHE A 315 8.34 15.87 7.94
CA PHE A 315 8.83 16.27 6.63
C PHE A 315 7.70 16.73 5.73
N ILE A 316 7.87 17.88 5.10
CA ILE A 316 6.89 18.42 4.19
C ILE A 316 7.53 18.41 2.81
N PRO A 317 6.89 17.77 1.81
CA PRO A 317 7.50 17.71 0.46
C PRO A 317 7.54 19.07 -0.18
N LYS A 318 8.54 19.30 -1.04
CA LYS A 318 8.62 20.55 -1.77
C LYS A 318 7.59 20.49 -2.90
N PHE A 319 6.77 21.55 -3.03
CA PHE A 319 5.74 21.60 -4.05
C PHE A 319 5.78 22.94 -4.78
N LYS A 320 6.34 22.93 -5.99
CA LYS A 320 6.49 24.11 -6.85
C LYS A 320 5.18 24.69 -7.41
N GLY A 321 4.15 23.85 -7.50
CA GLY A 321 2.84 24.28 -7.98
C GLY A 321 1.91 23.14 -8.39
N PRO A 322 0.62 23.42 -8.69
CA PRO A 322 -0.28 22.34 -9.13
C PRO A 322 0.24 21.66 -10.40
N GLY A 323 0.12 20.33 -10.44
CA GLY A 323 0.58 19.51 -11.56
C GLY A 323 2.08 19.29 -11.64
N ASP A 324 2.84 19.67 -10.58
CA ASP A 324 4.29 19.49 -10.53
C ASP A 324 4.56 18.00 -10.25
N THR A 325 5.52 17.39 -10.98
CA THR A 325 5.88 15.97 -10.81
C THR A 325 7.32 15.72 -10.31
N SER A 326 8.07 16.78 -9.90
CA SER A 326 9.48 16.62 -9.49
C SER A 326 9.77 15.65 -8.37
N ASN A 327 8.75 15.31 -7.56
CA ASN A 327 8.88 14.30 -6.49
C ASN A 327 8.73 12.86 -7.00
N PHE A 328 8.52 12.68 -8.33
CA PHE A 328 8.38 11.37 -8.97
C PHE A 328 9.47 11.18 -10.00
N ASP A 329 9.95 9.93 -10.15
CA ASP A 329 10.96 9.58 -11.14
C ASP A 329 10.36 9.68 -12.55
N ASP A 330 11.23 9.79 -13.56
CA ASP A 330 10.82 9.87 -14.96
C ASP A 330 10.69 8.48 -15.56
N TYR A 331 9.67 8.29 -16.38
CA TYR A 331 9.40 7.01 -17.02
C TYR A 331 9.19 7.25 -18.48
N GLU A 332 9.50 6.24 -19.30
CA GLU A 332 9.31 6.31 -20.74
C GLU A 332 7.81 6.35 -21.04
N GLU A 333 7.41 7.28 -21.91
CA GLU A 333 6.02 7.45 -22.31
C GLU A 333 5.67 6.51 -23.45
N GLU A 334 4.43 6.00 -23.42
CA GLU A 334 3.89 5.09 -24.43
C GLU A 334 2.49 5.59 -24.77
N GLU A 335 2.14 5.62 -26.06
CA GLU A 335 0.82 6.12 -26.47
C GLU A 335 -0.28 5.14 -26.05
N ILE A 336 -1.41 5.68 -25.58
CA ILE A 336 -2.54 4.86 -25.18
C ILE A 336 -3.28 4.46 -26.44
N ARG A 337 -3.28 3.17 -26.77
CA ARG A 337 -4.03 2.72 -27.93
C ARG A 337 -5.31 2.03 -27.49
N VAL A 338 -6.43 2.45 -28.06
CA VAL A 338 -7.72 1.89 -27.78
C VAL A 338 -8.16 1.11 -29.01
N SEP A 339 -8.19 -0.22 -28.90
CA SEP A 339 -8.59 -1.10 -30.00
CB SEP A 339 -8.51 -2.57 -29.61
OG SEP A 339 -9.09 -3.38 -30.64
C SEP A 339 -10.01 -0.79 -30.52
O SEP A 339 -10.85 -0.28 -29.78
P SEP A 339 -8.07 -3.79 -31.80
O1P SEP A 339 -8.69 -5.05 -32.38
O2P SEP A 339 -6.68 -4.11 -31.42
O3P SEP A 339 -8.03 -2.57 -32.75
N ILE A 340 -10.24 -1.11 -31.79
CA ILE A 340 -11.56 -0.89 -32.41
C ILE A 340 -12.51 -2.00 -32.00
N ASN A 341 -11.95 -3.10 -31.43
CA ASN A 341 -12.71 -4.26 -30.95
C ASN A 341 -12.64 -4.40 -29.44
N GLU A 342 -13.77 -4.76 -28.81
CA GLU A 342 -13.80 -4.97 -27.37
C GLU A 342 -13.01 -6.22 -26.97
N LYS A 343 -12.09 -6.05 -26.01
CA LYS A 343 -11.29 -7.16 -25.51
C LYS A 343 -11.80 -7.55 -24.14
N CYS A 344 -11.79 -8.88 -23.85
CA CYS A 344 -12.16 -9.42 -22.53
C CYS A 344 -13.41 -8.81 -21.88
N GLY A 345 -14.47 -8.60 -22.65
CA GLY A 345 -15.71 -8.00 -22.17
C GLY A 345 -16.37 -8.75 -21.03
N LYS A 346 -16.53 -10.06 -21.20
CA LYS A 346 -17.10 -10.98 -20.22
C LYS A 346 -16.32 -10.95 -18.87
N GLU A 347 -14.99 -11.07 -18.93
CA GLU A 347 -14.12 -11.08 -17.74
C GLU A 347 -14.28 -9.83 -16.86
N PHE A 348 -14.40 -8.66 -17.49
CA PHE A 348 -14.52 -7.37 -16.78
C PHE A 348 -15.90 -6.72 -16.76
N SER A 349 -16.97 -7.51 -17.00
N SER A 349 -16.97 -7.51 -17.00
CA SER A 349 -18.36 -7.01 -17.02
CA SER A 349 -18.36 -7.03 -17.03
C SER A 349 -18.75 -6.18 -15.79
C SER A 349 -18.75 -6.20 -15.79
N GLU A 350 -18.35 -6.64 -14.58
CA GLU A 350 -18.68 -5.90 -13.36
C GLU A 350 -17.87 -4.60 -13.09
N PHE A 351 -16.75 -4.43 -13.81
CA PHE A 351 -15.90 -3.23 -13.59
C PHE A 351 -16.68 -1.97 -14.03
N THR B 1 29.48 -3.60 6.60
CA THR B 1 28.29 -3.18 7.35
C THR B 1 27.04 -3.68 6.61
N THR B 2 25.90 -3.80 7.33
CA THR B 2 24.65 -4.23 6.68
C THR B 2 24.18 -3.20 5.65
N TYR B 3 24.32 -1.89 5.94
CA TYR B 3 23.98 -0.82 5.00
C TYR B 3 24.80 -1.00 3.69
N ALA B 4 26.15 -1.21 3.78
CA ALA B 4 26.98 -1.43 2.58
C ALA B 4 26.54 -2.68 1.83
N ASP B 5 26.11 -3.73 2.55
CA ASP B 5 25.64 -4.95 1.91
C ASP B 5 24.32 -4.71 1.18
N PHE B 6 23.44 -3.91 1.79
CA PHE B 6 22.17 -3.54 1.16
C PHE B 6 22.39 -2.72 -0.11
N ILE B 7 23.18 -1.65 -0.02
CA ILE B 7 23.47 -0.74 -1.14
C ILE B 7 24.08 -1.46 -2.33
N ALA B 8 24.88 -2.48 -2.06
CA ALA B 8 25.56 -3.30 -3.06
C ALA B 8 24.64 -4.42 -3.59
N SER B 9 23.46 -4.64 -2.96
CA SER B 9 22.57 -5.73 -3.39
C SER B 9 21.77 -5.32 -4.65
N GLY B 10 21.07 -6.27 -5.29
CA GLY B 10 20.22 -5.97 -6.44
C GLY B 10 18.80 -5.57 -6.04
N ARG B 11 18.57 -5.37 -4.73
CA ARG B 11 17.23 -5.08 -4.24
C ARG B 11 17.01 -3.72 -3.59
N THR B 12 17.69 -2.68 -4.12
CA THR B 12 17.52 -1.30 -3.59
C THR B 12 16.54 -0.50 -4.43
N GLY B 13 16.19 -1.00 -5.60
CA GLY B 13 15.21 -0.36 -6.48
C GLY B 13 13.80 -0.75 -6.10
N ARG B 14 12.80 -0.26 -6.86
CA ARG B 14 11.38 -0.62 -6.60
C ARG B 14 11.18 -2.13 -6.71
N ARG B 15 10.62 -2.73 -5.67
CA ARG B 15 10.49 -4.19 -5.64
C ARG B 15 9.15 -4.61 -6.21
N ASN B 16 9.20 -5.50 -7.19
CA ASN B 16 8.00 -6.04 -7.81
C ASN B 16 7.29 -7.03 -6.92
N ALA B 17 5.98 -7.03 -7.04
CA ALA B 17 5.13 -7.95 -6.32
C ALA B 17 5.28 -9.33 -6.94
N ILE B 18 5.00 -10.37 -6.19
CA ILE B 18 5.02 -11.74 -6.70
C ILE B 18 3.58 -12.28 -6.60
N HIS B 19 3.23 -13.28 -7.42
CA HIS B 19 1.93 -13.95 -7.35
C HIS B 19 1.97 -15.36 -7.95
N ASP B 20 0.90 -16.17 -7.69
CA ASP B 20 0.70 -17.55 -8.15
C ASP B 20 1.57 -18.58 -7.42
C7 PZX C . 2.29 1.67 -7.02
C16 PZX C . 0.82 2.03 -7.33
C6 PZX C . 0.37 3.28 -7.33
N8 PZX C . -0.17 1.17 -7.62
N12 PZX C . -1.23 1.83 -7.75
C9 PZX C . -0.93 3.13 -7.62
C10 PZX C . -1.89 4.31 -7.74
O14 PZX C . -3.02 4.19 -8.19
O13 PZX C . -1.45 5.45 -7.15
C5 PZX C . -2.04 6.75 -7.35
C11 PZX C . -1.19 7.85 -7.33
C3 PZX C . 0.11 7.76 -7.88
C2 PZX C . 0.94 8.89 -7.81
C1 PZX C . 0.43 10.07 -7.23
N15 PZX C . -0.81 10.11 -6.75
C4 PZX C . -1.62 9.06 -6.74
C1 GOL D . 0.31 0.27 -11.80
O1 GOL D . 1.44 1.10 -12.09
C2 GOL D . 0.14 -0.79 -12.89
O2 GOL D . -0.86 -0.38 -13.82
C3 GOL D . -0.25 -2.13 -12.29
O3 GOL D . 0.31 -3.17 -13.10
#